data_6AP8
#
_entry.id   6AP8
#
_cell.length_a   48.005
_cell.length_b   88.433
_cell.length_c   119.026
_cell.angle_alpha   90.000
_cell.angle_beta   90.000
_cell.angle_gamma   90.000
#
_symmetry.space_group_name_H-M   'P 21 21 21'
#
loop_
_entity.id
_entity.type
_entity.pdbx_description
1 polymer 'Strigolactone esterase D14'
2 non-polymer '2-[(2-methyl-3-nitrophenyl)amino]benzoic acid'
3 non-polymer GLYCEROL
4 water water
#
_entity_poly.entity_id   1
_entity_poly.type   'polypeptide(L)'
_entity_poly.pdbx_seq_one_letter_code
;GGSGAKLLQILNVRVVGSGERVVVLSHGFGTDQSAWSRVLPYLTRDHRVVLYDLVCAGSVNPDHFDFRRYDNLDAYVDDL
LAILDALRIPRCAFVGHSVSAMIGILASIRRPDLFAKLVLIGASPRFLNDSDYHGGFELEEIQQVFDAMGANYSAWATGY
APLAVGADVPAAVQEFSRTLFNMRPDISLHVCQTVFKTDLRGVLGMVRAPCVVVQTTRDVSVPASVAAYLKAHLGGRTTV
EFLQTEGHLPHLSAPSLLAQVLRRALARY
;
_entity_poly.pdbx_strand_id   A,B
#
loop_
_chem_comp.id
_chem_comp.type
_chem_comp.name
_chem_comp.formula
BNY non-polymer '2-[(2-methyl-3-nitrophenyl)amino]benzoic acid' 'C14 H12 N2 O4'
GOL non-polymer GLYCEROL 'C3 H8 O3'
#
# COMPACT_ATOMS: atom_id res chain seq x y z
N GLY A 4 8.16 6.04 20.18
CA GLY A 4 8.74 7.47 19.93
C GLY A 4 9.36 7.84 18.57
N ALA A 5 10.69 7.87 18.57
CA ALA A 5 11.43 8.27 17.34
C ALA A 5 11.06 7.46 16.08
N LYS A 6 11.03 6.15 16.24
CA LYS A 6 10.74 5.26 15.15
C LYS A 6 9.30 5.55 14.67
N LEU A 7 8.40 5.77 15.60
CA LEU A 7 7.05 6.07 15.30
C LEU A 7 6.90 7.33 14.37
N LEU A 8 7.73 8.34 14.68
CA LEU A 8 7.71 9.58 13.89
C LEU A 8 8.03 9.24 12.45
N GLN A 9 8.91 8.27 12.21
CA GLN A 9 9.24 7.87 10.86
C GLN A 9 8.12 6.99 10.22
N ILE A 10 7.68 6.00 10.98
CA ILE A 10 6.71 5.02 10.46
C ILE A 10 5.39 5.67 10.02
N LEU A 11 4.97 6.65 10.79
CA LEU A 11 3.67 7.35 10.56
C LEU A 11 3.87 8.66 9.83
N ASN A 12 5.04 8.87 9.24
CA ASN A 12 5.24 9.99 8.34
C ASN A 12 4.95 11.34 9.01
N VAL A 13 5.39 11.53 10.24
CA VAL A 13 5.07 12.74 10.99
C VAL A 13 5.80 13.92 10.35
N ARG A 14 5.08 15.01 10.14
CA ARG A 14 5.64 16.26 9.63
CA ARG A 14 5.62 16.26 9.61
C ARG A 14 5.17 17.42 10.49
N VAL A 15 6.06 18.33 10.80
CA VAL A 15 5.76 19.52 11.52
C VAL A 15 6.07 20.68 10.62
N VAL A 16 5.06 21.51 10.35
CA VAL A 16 5.24 22.62 9.41
C VAL A 16 4.63 23.87 10.03
N GLY A 17 4.96 25.03 9.50
CA GLY A 17 4.49 26.26 10.10
C GLY A 17 5.25 26.59 11.39
N SER A 18 4.69 27.50 12.13
CA SER A 18 5.29 27.90 13.39
C SER A 18 4.24 28.65 14.20
N GLY A 19 4.43 28.62 15.51
CA GLY A 19 3.58 29.41 16.40
C GLY A 19 3.51 28.73 17.73
N GLU A 20 2.98 29.45 18.67
CA GLU A 20 2.66 28.87 19.99
C GLU A 20 1.35 28.10 19.98
N ARG A 21 0.47 28.38 19.02
CA ARG A 21 -0.78 27.66 18.89
C ARG A 21 -0.41 26.43 17.97
N VAL A 22 -0.35 25.25 18.59
CA VAL A 22 -0.06 24.00 17.94
C VAL A 22 -1.37 23.35 17.50
N VAL A 23 -1.43 22.86 16.29
CA VAL A 23 -2.61 22.22 15.73
C VAL A 23 -2.18 20.87 15.16
N VAL A 24 -2.89 19.83 15.57
CA VAL A 24 -2.72 18.51 14.97
C VAL A 24 -3.81 18.27 13.97
N LEU A 25 -3.44 17.86 12.74
CA LEU A 25 -4.43 17.49 11.73
C LEU A 25 -4.36 16.00 11.57
N SER A 26 -5.47 15.31 11.82
CA SER A 26 -5.52 13.85 11.88
C SER A 26 -6.60 13.35 10.90
N HIS A 27 -6.19 12.64 9.84
CA HIS A 27 -7.07 12.30 8.73
C HIS A 27 -8.03 11.12 9.02
N GLY A 28 -8.97 10.92 8.13
CA GLY A 28 -9.94 9.90 8.23
C GLY A 28 -9.74 8.65 7.41
N PHE A 29 -10.79 7.87 7.33
CA PHE A 29 -10.77 6.64 6.55
C PHE A 29 -10.52 6.96 5.10
N GLY A 30 -9.63 6.17 4.49
CA GLY A 30 -9.47 6.21 3.05
C GLY A 30 -8.58 7.29 2.49
N THR A 31 -7.98 8.09 3.36
CA THR A 31 -7.07 9.14 3.00
C THR A 31 -5.80 9.01 3.77
N ASP A 32 -4.88 9.92 3.51
CA ASP A 32 -3.71 10.10 4.35
C ASP A 32 -3.57 11.57 4.67
N GLN A 33 -2.43 12.01 5.23
CA GLN A 33 -2.30 13.40 5.58
C GLN A 33 -2.33 14.35 4.38
N SER A 34 -2.14 13.86 3.17
CA SER A 34 -2.24 14.70 1.96
C SER A 34 -3.63 15.27 1.78
N ALA A 35 -4.66 14.69 2.43
CA ALA A 35 -6.02 15.22 2.32
C ALA A 35 -6.07 16.64 2.89
N TRP A 36 -5.15 17.02 3.76
CA TRP A 36 -5.14 18.33 4.33
C TRP A 36 -4.43 19.37 3.45
N SER A 37 -3.89 18.98 2.30
CA SER A 37 -2.99 19.86 1.55
CA SER A 37 -2.98 19.85 1.57
C SER A 37 -3.56 21.19 1.16
N ARG A 38 -4.85 21.25 0.88
CA ARG A 38 -5.45 22.52 0.43
C ARG A 38 -5.88 23.41 1.60
N VAL A 39 -6.17 22.81 2.78
CA VAL A 39 -6.42 23.66 3.96
C VAL A 39 -5.15 24.16 4.61
N LEU A 40 -4.05 23.36 4.48
CA LEU A 40 -2.81 23.65 5.21
C LEU A 40 -2.29 25.07 5.04
N PRO A 41 -2.27 25.65 3.79
CA PRO A 41 -1.71 27.00 3.69
C PRO A 41 -2.49 28.11 4.39
N TYR A 42 -3.72 27.83 4.78
CA TYR A 42 -4.50 28.72 5.57
C TYR A 42 -4.11 28.75 7.04
N LEU A 43 -3.30 27.76 7.46
CA LEU A 43 -2.97 27.56 8.87
C LEU A 43 -1.50 27.82 9.23
N THR A 44 -0.59 27.63 8.29
CA THR A 44 0.81 27.55 8.61
C THR A 44 1.50 28.87 8.90
N ARG A 45 0.90 30.00 8.52
CA ARG A 45 1.51 31.28 8.93
C ARG A 45 1.35 31.51 10.43
N ASP A 46 0.26 30.99 10.98
CA ASP A 46 -0.29 31.27 12.30
C ASP A 46 -0.07 30.19 13.33
N HIS A 47 0.14 28.96 12.87
CA HIS A 47 0.15 27.81 13.75
C HIS A 47 1.35 26.93 13.39
N ARG A 48 1.81 26.21 14.43
CA ARG A 48 2.68 25.06 14.21
C ARG A 48 1.75 23.87 13.94
N VAL A 49 1.86 23.26 12.78
CA VAL A 49 0.92 22.20 12.38
C VAL A 49 1.63 20.86 12.38
N VAL A 50 1.08 19.90 13.11
CA VAL A 50 1.56 18.55 13.12
C VAL A 50 0.65 17.70 12.26
N LEU A 51 1.26 17.03 11.27
CA LEU A 51 0.53 16.10 10.43
C LEU A 51 1.10 14.72 10.64
N TYR A 52 0.27 13.67 10.47
CA TYR A 52 0.78 12.31 10.52
C TYR A 52 -0.21 11.44 9.79
N ASP A 53 0.18 10.20 9.46
CA ASP A 53 -0.68 9.22 8.86
C ASP A 53 -1.07 8.20 9.93
N LEU A 54 -2.37 7.86 9.97
CA LEU A 54 -2.82 6.71 10.75
C LEU A 54 -2.13 5.46 10.25
N VAL A 55 -1.91 4.47 11.11
CA VAL A 55 -1.20 3.27 10.73
C VAL A 55 -1.90 2.53 9.57
N CYS A 56 -3.22 2.72 9.41
CA CYS A 56 -3.96 2.09 8.35
C CYS A 56 -3.86 2.75 6.99
N ALA A 57 -3.27 3.97 6.93
CA ALA A 57 -3.17 4.68 5.63
C ALA A 57 -2.33 3.91 4.65
N GLY A 58 -2.71 3.98 3.38
CA GLY A 58 -1.94 3.36 2.33
C GLY A 58 -0.54 3.90 2.15
N SER A 59 -0.28 5.10 2.66
CA SER A 59 1.03 5.71 2.62
C SER A 59 1.98 5.21 3.70
N VAL A 60 1.50 4.35 4.60
CA VAL A 60 2.30 3.71 5.63
C VAL A 60 2.56 2.29 5.18
N ASN A 61 3.75 1.78 5.41
CA ASN A 61 4.05 0.40 5.00
C ASN A 61 3.05 -0.52 5.70
N PRO A 62 2.27 -1.34 4.95
CA PRO A 62 1.20 -2.09 5.59
C PRO A 62 1.70 -3.21 6.49
N ASP A 63 2.97 -3.55 6.41
CA ASP A 63 3.46 -4.56 7.30
C ASP A 63 3.64 -4.05 8.74
N HIS A 64 3.46 -2.72 8.98
CA HIS A 64 3.32 -2.23 10.36
C HIS A 64 1.92 -2.44 10.96
N PHE A 65 0.96 -2.84 10.16
CA PHE A 65 -0.41 -2.94 10.66
C PHE A 65 -0.56 -4.25 11.43
N ASP A 66 -0.69 -4.16 12.71
CA ASP A 66 -0.87 -5.33 13.57
C ASP A 66 -2.36 -5.49 13.85
N PHE A 67 -2.98 -6.50 13.23
CA PHE A 67 -4.44 -6.68 13.30
C PHE A 67 -4.93 -6.88 14.70
N ARG A 68 -4.12 -7.52 15.53
CA ARG A 68 -4.56 -7.70 16.87
C ARG A 68 -4.49 -6.43 17.66
N ARG A 69 -3.40 -5.70 17.58
CA ARG A 69 -3.26 -4.49 18.34
C ARG A 69 -4.33 -3.44 17.96
N TYR A 70 -4.59 -3.28 16.66
CA TYR A 70 -5.48 -2.25 16.16
C TYR A 70 -6.97 -2.69 16.01
N ASP A 71 -7.41 -3.65 16.82
CA ASP A 71 -8.80 -4.07 16.85
C ASP A 71 -9.62 -3.23 17.82
N ASN A 72 -9.01 -2.15 18.35
CA ASN A 72 -9.78 -1.17 19.09
CA ASN A 72 -9.67 -1.17 19.21
C ASN A 72 -9.12 0.21 18.88
N LEU A 73 -9.92 1.27 19.01
CA LEU A 73 -9.40 2.58 18.77
C LEU A 73 -8.39 3.08 19.76
N ASP A 74 -8.38 2.47 20.96
CA ASP A 74 -7.40 2.88 21.94
C ASP A 74 -5.97 2.72 21.44
N ALA A 75 -5.73 1.74 20.58
CA ALA A 75 -4.37 1.59 20.03
C ALA A 75 -3.96 2.74 19.08
N TYR A 76 -4.95 3.25 18.35
CA TYR A 76 -4.68 4.47 17.54
C TYR A 76 -4.46 5.69 18.41
N VAL A 77 -5.22 5.76 19.53
CA VAL A 77 -4.97 6.81 20.50
C VAL A 77 -3.54 6.75 21.02
N ASP A 78 -3.09 5.52 21.39
CA ASP A 78 -1.75 5.34 21.89
C ASP A 78 -0.69 5.91 20.89
N ASP A 79 -0.89 5.69 19.61
CA ASP A 79 0.03 6.18 18.61
C ASP A 79 0.03 7.73 18.60
N LEU A 80 -1.16 8.34 18.64
CA LEU A 80 -1.25 9.79 18.66
C LEU A 80 -0.49 10.38 19.84
N LEU A 81 -0.76 9.80 21.03
CA LEU A 81 -0.14 10.32 22.24
C LEU A 81 1.36 10.11 22.22
N ALA A 82 1.80 8.99 21.68
CA ALA A 82 3.25 8.72 21.59
C ALA A 82 3.93 9.75 20.65
N ILE A 83 3.26 10.13 19.56
CA ILE A 83 3.82 11.13 18.66
C ILE A 83 3.93 12.50 19.35
N LEU A 84 2.86 12.91 20.02
CA LEU A 84 2.90 14.24 20.70
C LEU A 84 3.91 14.27 21.82
N ASP A 85 4.02 13.16 22.57
CA ASP A 85 5.02 13.07 23.64
C ASP A 85 6.43 13.12 23.04
N ALA A 86 6.67 12.36 21.94
CA ALA A 86 7.99 12.41 21.29
C ALA A 86 8.36 13.80 20.78
N LEU A 87 7.37 14.56 20.31
CA LEU A 87 7.55 15.95 19.90
C LEU A 87 7.62 16.93 21.02
N ARG A 88 7.42 16.47 22.26
CA ARG A 88 7.44 17.33 23.46
C ARG A 88 6.39 18.41 23.47
N ILE A 89 5.24 18.11 22.89
CA ILE A 89 4.18 19.09 22.82
C ILE A 89 3.25 18.95 24.03
N PRO A 90 3.15 20.01 24.85
CA PRO A 90 2.34 19.87 26.04
C PRO A 90 0.88 20.23 25.88
N ARG A 91 0.53 20.94 24.85
CA ARG A 91 -0.85 21.45 24.67
C ARG A 91 -1.05 21.75 23.20
N CYS A 92 -2.21 21.35 22.68
CA CYS A 92 -2.54 21.53 21.28
C CYS A 92 -4.03 21.60 21.07
N ALA A 93 -4.43 22.06 19.88
CA ALA A 93 -5.73 21.82 19.33
C ALA A 93 -5.63 20.65 18.41
N PHE A 94 -6.69 19.92 18.27
CA PHE A 94 -6.74 18.72 17.45
C PHE A 94 -7.92 18.75 16.52
N VAL A 95 -7.63 18.61 15.22
CA VAL A 95 -8.63 18.57 14.17
C VAL A 95 -8.68 17.13 13.67
N GLY A 96 -9.79 16.45 13.81
CA GLY A 96 -9.92 15.08 13.37
C GLY A 96 -11.08 14.85 12.46
N HIS A 97 -10.81 14.16 11.35
CA HIS A 97 -11.87 13.75 10.41
CA HIS A 97 -11.86 13.74 10.42
C HIS A 97 -12.27 12.29 10.67
N SER A 98 -13.58 12.01 10.70
CA SER A 98 -14.07 10.59 10.58
C SER A 98 -13.48 9.81 11.82
N VAL A 99 -12.81 8.71 11.56
CA VAL A 99 -12.22 7.91 12.65
C VAL A 99 -11.31 8.76 13.51
N SER A 100 -10.60 9.74 12.94
CA SER A 100 -9.79 10.60 13.79
C SER A 100 -10.58 11.50 14.73
N ALA A 101 -11.81 11.83 14.38
CA ALA A 101 -12.67 12.51 15.39
C ALA A 101 -12.87 11.62 16.61
N MET A 102 -13.14 10.34 16.36
CA MET A 102 -13.32 9.36 17.44
C MET A 102 -12.02 9.24 18.25
N ILE A 103 -10.87 9.13 17.57
CA ILE A 103 -9.58 9.06 18.23
C ILE A 103 -9.35 10.32 19.10
N GLY A 104 -9.68 11.50 18.57
CA GLY A 104 -9.46 12.72 19.33
C GLY A 104 -10.36 12.79 20.57
N ILE A 105 -11.61 12.38 20.44
CA ILE A 105 -12.47 12.31 21.63
C ILE A 105 -11.79 11.43 22.71
N LEU A 106 -11.37 10.23 22.34
CA LEU A 106 -10.73 9.35 23.31
C LEU A 106 -9.44 9.91 23.88
N ALA A 107 -8.64 10.52 22.98
CA ALA A 107 -7.37 11.06 23.42
C ALA A 107 -7.56 12.22 24.43
N SER A 108 -8.59 13.02 24.19
CA SER A 108 -8.88 14.17 25.06
C SER A 108 -9.35 13.75 26.46
N ILE A 109 -9.90 12.57 26.49
CA ILE A 109 -10.32 11.98 27.82
C ILE A 109 -9.11 11.42 28.53
N ARG A 110 -8.24 10.71 27.78
CA ARG A 110 -7.01 10.13 28.37
C ARG A 110 -6.10 11.24 28.92
N ARG A 111 -6.00 12.33 28.14
CA ARG A 111 -5.00 13.37 28.39
C ARG A 111 -5.63 14.77 28.28
N PRO A 112 -6.48 15.12 29.22
CA PRO A 112 -7.15 16.42 29.16
C PRO A 112 -6.23 17.62 29.20
N ASP A 113 -5.04 17.45 29.76
CA ASP A 113 -4.03 18.49 29.81
C ASP A 113 -3.50 18.83 28.41
N LEU A 114 -3.49 17.87 27.52
CA LEU A 114 -2.86 18.00 26.22
C LEU A 114 -3.79 18.57 25.17
N PHE A 115 -5.10 18.32 25.28
CA PHE A 115 -6.06 18.71 24.27
C PHE A 115 -6.85 19.91 24.70
N ALA A 116 -6.41 21.07 24.25
CA ALA A 116 -7.04 22.33 24.64
C ALA A 116 -8.32 22.57 23.86
N LYS A 117 -8.49 21.98 22.68
CA LYS A 117 -9.68 22.20 21.85
C LYS A 117 -9.75 21.08 20.84
N LEU A 118 -10.95 20.66 20.50
CA LEU A 118 -11.18 19.69 19.45
C LEU A 118 -12.01 20.29 18.34
N VAL A 119 -11.65 19.98 17.11
CA VAL A 119 -12.48 20.32 15.96
C VAL A 119 -12.77 19.00 15.27
N LEU A 120 -14.03 18.65 15.15
CA LEU A 120 -14.46 17.32 14.66
C LEU A 120 -15.12 17.49 13.34
N ILE A 121 -14.69 16.76 12.33
CA ILE A 121 -15.23 16.85 10.96
C ILE A 121 -15.73 15.48 10.54
N GLY A 122 -16.92 15.40 9.99
CA GLY A 122 -17.44 14.08 9.60
C GLY A 122 -17.53 13.12 10.76
N ALA A 123 -17.91 13.61 11.92
CA ALA A 123 -17.80 12.84 13.17
C ALA A 123 -19.10 12.23 13.63
N SER A 124 -18.94 11.01 14.17
CA SER A 124 -20.06 10.32 14.79
C SER A 124 -19.54 9.52 15.99
N PRO A 125 -20.32 9.41 17.07
CA PRO A 125 -19.95 8.51 18.18
C PRO A 125 -20.34 7.07 17.94
N ARG A 126 -21.18 6.80 16.95
CA ARG A 126 -21.73 5.48 16.73
C ARG A 126 -22.46 5.50 15.38
N PHE A 127 -22.02 4.64 14.45
CA PHE A 127 -22.66 4.56 13.13
CA PHE A 127 -22.67 4.57 13.14
C PHE A 127 -23.93 3.73 13.12
N LEU A 128 -23.96 2.64 13.89
CA LEU A 128 -25.10 1.77 13.86
C LEU A 128 -26.30 2.38 14.59
N ASN A 129 -27.47 2.16 14.06
CA ASN A 129 -28.68 2.48 14.78
C ASN A 129 -28.81 1.67 16.04
N ASP A 130 -29.55 2.21 17.00
CA ASP A 130 -29.87 1.54 18.27
C ASP A 130 -31.33 1.98 18.60
N SER A 131 -31.86 1.40 19.69
CA SER A 131 -33.12 1.93 20.27
C SER A 131 -33.00 3.42 20.58
N ASP A 132 -33.90 4.18 20.03
CA ASP A 132 -33.86 5.61 20.22
C ASP A 132 -32.50 6.21 19.95
N TYR A 133 -31.69 5.58 19.06
CA TYR A 133 -30.55 6.31 18.49
C TYR A 133 -30.43 6.01 17.01
N HIS A 134 -30.41 7.08 16.24
CA HIS A 134 -30.21 6.99 14.82
C HIS A 134 -28.78 7.34 14.48
N GLY A 135 -28.00 6.34 14.05
CA GLY A 135 -26.64 6.55 13.58
C GLY A 135 -26.51 6.61 12.09
N GLY A 136 -27.48 6.03 11.39
CA GLY A 136 -27.45 6.03 9.94
C GLY A 136 -27.29 4.70 9.26
N PHE A 137 -26.96 3.64 10.00
CA PHE A 137 -26.63 2.37 9.39
C PHE A 137 -27.29 1.25 10.11
N GLU A 138 -27.63 0.19 9.36
CA GLU A 138 -28.17 -1.02 9.94
C GLU A 138 -27.14 -2.15 9.81
N LEU A 139 -27.24 -3.14 10.68
N LEU A 139 -27.24 -3.16 10.68
CA LEU A 139 -26.31 -4.25 10.69
CA LEU A 139 -26.30 -4.29 10.68
C LEU A 139 -26.29 -5.01 9.36
C LEU A 139 -26.28 -5.00 9.34
N GLU A 140 -27.46 -5.27 8.78
CA GLU A 140 -27.56 -6.08 7.58
C GLU A 140 -26.94 -5.34 6.38
N GLU A 141 -27.13 -4.02 6.40
CA GLU A 141 -26.59 -3.15 5.37
C GLU A 141 -25.07 -3.25 5.39
N ILE A 142 -24.48 -3.06 6.56
CA ILE A 142 -23.02 -3.08 6.68
C ILE A 142 -22.46 -4.45 6.48
N GLN A 143 -23.18 -5.50 6.80
CA GLN A 143 -22.71 -6.85 6.49
C GLN A 143 -22.47 -6.99 4.97
N GLN A 144 -23.43 -6.50 4.19
CA GLN A 144 -23.28 -6.56 2.76
C GLN A 144 -22.14 -5.73 2.23
N VAL A 145 -21.96 -4.54 2.79
CA VAL A 145 -20.82 -3.72 2.36
C VAL A 145 -19.52 -4.40 2.69
N PHE A 146 -19.41 -4.97 3.89
CA PHE A 146 -18.17 -5.65 4.24
C PHE A 146 -17.90 -6.83 3.33
N ASP A 147 -18.95 -7.54 2.90
CA ASP A 147 -18.78 -8.62 1.91
C ASP A 147 -18.24 -8.05 0.59
N ALA A 148 -18.85 -6.96 0.12
CA ALA A 148 -18.34 -6.33 -1.13
C ALA A 148 -16.91 -5.90 -1.05
N MET A 149 -16.53 -5.33 0.07
CA MET A 149 -15.15 -4.89 0.29
C MET A 149 -14.17 -6.04 0.11
N GLY A 150 -14.57 -7.25 0.54
CA GLY A 150 -13.76 -8.42 0.36
C GLY A 150 -13.86 -9.06 -1.01
N ALA A 151 -15.07 -9.15 -1.56
CA ALA A 151 -15.29 -9.82 -2.83
C ALA A 151 -14.69 -9.06 -3.99
N ASN A 152 -14.73 -7.70 -3.94
CA ASN A 152 -14.24 -6.90 -5.07
C ASN A 152 -13.95 -5.49 -4.53
N TYR A 153 -12.81 -5.36 -3.87
CA TYR A 153 -12.44 -4.12 -3.21
C TYR A 153 -12.45 -2.95 -4.20
N SER A 154 -11.86 -3.18 -5.39
N SER A 154 -11.86 -3.18 -5.40
CA SER A 154 -11.76 -2.12 -6.37
CA SER A 154 -11.77 -2.14 -6.40
C SER A 154 -13.12 -1.62 -6.82
C SER A 154 -13.13 -1.62 -6.81
N ALA A 155 -14.04 -2.52 -7.11
CA ALA A 155 -15.36 -2.07 -7.51
C ALA A 155 -16.06 -1.36 -6.34
N TRP A 156 -15.90 -1.85 -5.13
CA TRP A 156 -16.47 -1.20 -3.95
C TRP A 156 -15.97 0.25 -3.84
N ALA A 157 -14.65 0.39 -3.97
CA ALA A 157 -14.06 1.73 -3.80
C ALA A 157 -14.50 2.67 -4.89
N THR A 158 -14.58 2.18 -6.11
CA THR A 158 -15.05 3.01 -7.21
C THR A 158 -16.46 3.53 -6.94
N GLY A 159 -17.31 2.66 -6.42
CA GLY A 159 -18.69 3.09 -6.13
C GLY A 159 -18.76 4.00 -4.94
N TYR A 160 -17.91 3.75 -3.94
CA TYR A 160 -18.01 4.47 -2.67
C TYR A 160 -17.52 5.91 -2.80
N ALA A 161 -16.42 6.12 -3.51
CA ALA A 161 -15.78 7.44 -3.53
C ALA A 161 -16.76 8.60 -3.89
N PRO A 162 -17.59 8.47 -4.92
CA PRO A 162 -18.47 9.61 -5.21
C PRO A 162 -19.54 9.81 -4.15
N LEU A 163 -19.96 8.74 -3.51
CA LEU A 163 -20.99 8.82 -2.45
C LEU A 163 -20.44 9.58 -1.26
N ALA A 164 -19.21 9.25 -0.90
CA ALA A 164 -18.57 9.90 0.24
C ALA A 164 -18.33 11.39 -0.03
N VAL A 165 -17.82 11.68 -1.23
CA VAL A 165 -17.59 13.08 -1.59
C VAL A 165 -18.92 13.84 -1.64
N GLY A 166 -19.96 13.23 -2.16
CA GLY A 166 -21.29 13.75 -2.11
C GLY A 166 -21.60 14.74 -3.21
N ALA A 167 -21.01 15.91 -3.06
CA ALA A 167 -21.05 16.90 -4.13
C ALA A 167 -20.41 16.41 -5.40
N ASP A 168 -20.88 16.90 -6.54
CA ASP A 168 -20.28 16.48 -7.78
C ASP A 168 -19.05 17.30 -8.06
N VAL A 169 -17.94 16.87 -7.46
CA VAL A 169 -16.60 17.56 -7.57
C VAL A 169 -15.62 16.49 -8.06
N PRO A 170 -15.52 16.32 -9.38
CA PRO A 170 -14.77 15.18 -9.91
C PRO A 170 -13.35 15.09 -9.42
N ALA A 171 -12.68 16.23 -9.23
CA ALA A 171 -11.28 16.18 -8.76
C ALA A 171 -11.18 15.61 -7.36
N ALA A 172 -12.17 15.90 -6.52
CA ALA A 172 -12.18 15.35 -5.18
C ALA A 172 -12.47 13.87 -5.18
N VAL A 173 -13.38 13.43 -6.04
CA VAL A 173 -13.66 11.99 -6.21
C VAL A 173 -12.37 11.31 -6.62
N GLN A 174 -11.67 11.86 -7.62
CA GLN A 174 -10.45 11.24 -8.10
C GLN A 174 -9.42 11.16 -6.97
N GLU A 175 -9.26 12.22 -6.22
CA GLU A 175 -8.28 12.26 -5.16
C GLU A 175 -8.60 11.27 -4.02
N PHE A 176 -9.86 11.22 -3.60
CA PHE A 176 -10.26 10.28 -2.59
C PHE A 176 -10.10 8.83 -3.07
N SER A 177 -10.48 8.58 -4.31
N SER A 177 -10.49 8.58 -4.31
CA SER A 177 -10.26 7.28 -4.93
CA SER A 177 -10.29 7.29 -4.91
C SER A 177 -8.82 6.89 -4.91
C SER A 177 -8.83 6.88 -4.93
N ARG A 178 -7.93 7.81 -5.24
CA ARG A 178 -6.49 7.52 -5.27
C ARG A 178 -6.03 6.92 -3.95
N THR A 179 -6.41 7.54 -2.85
CA THR A 179 -5.96 7.06 -1.55
C THR A 179 -6.75 5.86 -1.09
N LEU A 180 -8.01 5.73 -1.44
CA LEU A 180 -8.78 4.55 -1.07
C LEU A 180 -8.21 3.30 -1.75
N PHE A 181 -7.84 3.44 -3.04
CA PHE A 181 -7.24 2.35 -3.76
C PHE A 181 -5.85 1.99 -3.23
N ASN A 182 -5.20 2.91 -2.55
N ASN A 182 -5.18 2.90 -2.57
CA ASN A 182 -3.90 2.72 -1.93
CA ASN A 182 -3.88 2.59 -1.97
C ASN A 182 -3.97 1.90 -0.62
C ASN A 182 -3.97 1.88 -0.62
N MET A 183 -5.14 1.84 0.01
CA MET A 183 -5.29 1.06 1.24
C MET A 183 -5.28 -0.40 0.91
N ARG A 184 -4.56 -1.18 1.73
CA ARG A 184 -4.63 -2.61 1.50
C ARG A 184 -6.06 -3.11 1.80
N PRO A 185 -6.65 -4.00 0.99
CA PRO A 185 -8.08 -4.30 1.22
C PRO A 185 -8.41 -4.87 2.57
N ASP A 186 -7.55 -5.76 3.03
CA ASP A 186 -7.79 -6.35 4.36
C ASP A 186 -7.67 -5.35 5.51
N ILE A 187 -6.74 -4.43 5.40
CA ILE A 187 -6.65 -3.35 6.37
C ILE A 187 -7.86 -2.44 6.34
N SER A 188 -8.28 -2.08 5.13
N SER A 188 -8.30 -2.08 5.13
CA SER A 188 -9.46 -1.23 4.98
CA SER A 188 -9.52 -1.27 4.98
C SER A 188 -10.69 -1.88 5.62
C SER A 188 -10.69 -1.90 5.65
N LEU A 189 -10.92 -3.18 5.34
CA LEU A 189 -12.03 -3.87 5.98
C LEU A 189 -11.88 -3.90 7.51
N HIS A 190 -10.67 -4.13 8.01
CA HIS A 190 -10.48 -4.22 9.44
C HIS A 190 -10.74 -2.91 10.15
N VAL A 191 -10.33 -1.78 9.56
CA VAL A 191 -10.63 -0.48 10.16
C VAL A 191 -12.11 -0.25 10.17
N CYS A 192 -12.81 -0.62 9.08
CA CYS A 192 -14.26 -0.47 9.05
CA CYS A 192 -14.25 -0.45 9.03
C CYS A 192 -14.92 -1.31 10.14
N GLN A 193 -14.51 -2.55 10.27
CA GLN A 193 -15.08 -3.42 11.30
C GLN A 193 -14.84 -2.84 12.68
N THR A 194 -13.64 -2.36 12.91
CA THR A 194 -13.28 -1.79 14.21
C THR A 194 -14.12 -0.55 14.52
N VAL A 195 -14.29 0.36 13.56
CA VAL A 195 -15.07 1.54 13.77
C VAL A 195 -16.53 1.19 13.98
N PHE A 196 -17.07 0.26 13.19
CA PHE A 196 -18.48 -0.12 13.36
C PHE A 196 -18.79 -0.85 14.65
N LYS A 197 -17.77 -1.37 15.34
CA LYS A 197 -17.99 -1.94 16.65
C LYS A 197 -17.74 -0.95 17.80
N THR A 198 -17.37 0.29 17.47
CA THR A 198 -17.04 1.30 18.48
C THR A 198 -18.31 2.08 18.82
N ASP A 199 -18.50 2.36 20.09
CA ASP A 199 -19.65 3.14 20.55
C ASP A 199 -19.16 4.10 21.60
N LEU A 200 -19.00 5.36 21.25
CA LEU A 200 -18.48 6.36 22.15
C LEU A 200 -19.55 7.11 22.94
N ARG A 201 -20.81 6.76 22.72
CA ARG A 201 -21.85 7.58 23.37
C ARG A 201 -21.63 7.77 24.82
N GLY A 202 -21.28 6.71 25.53
CA GLY A 202 -21.20 6.78 27.01
C GLY A 202 -20.06 7.62 27.55
N VAL A 203 -19.02 7.85 26.72
CA VAL A 203 -17.87 8.58 27.19
C VAL A 203 -17.86 10.06 26.76
N LEU A 204 -18.84 10.47 25.99
CA LEU A 204 -18.80 11.88 25.47
C LEU A 204 -18.76 12.90 26.59
N GLY A 205 -19.44 12.60 27.72
CA GLY A 205 -19.48 13.59 28.80
C GLY A 205 -18.16 13.70 29.54
N MET A 206 -17.23 12.77 29.31
CA MET A 206 -15.91 12.87 29.87
C MET A 206 -14.98 13.84 29.15
N VAL A 207 -15.33 14.24 27.95
CA VAL A 207 -14.53 15.24 27.25
C VAL A 207 -14.62 16.55 27.97
N ARG A 208 -13.50 17.19 28.27
CA ARG A 208 -13.51 18.47 28.98
C ARG A 208 -13.16 19.64 28.03
N ALA A 209 -12.52 19.34 26.92
CA ALA A 209 -12.12 20.37 25.95
C ALA A 209 -13.33 20.99 25.25
N PRO A 210 -13.25 22.31 25.00
CA PRO A 210 -14.19 22.89 24.06
C PRO A 210 -14.08 22.21 22.70
N CYS A 211 -15.20 22.09 22.03
CA CYS A 211 -15.29 21.41 20.78
CA CYS A 211 -15.33 21.34 20.79
C CYS A 211 -16.15 22.13 19.76
N VAL A 212 -15.66 22.16 18.54
CA VAL A 212 -16.42 22.61 17.36
C VAL A 212 -16.71 21.40 16.52
N VAL A 213 -17.98 21.10 16.29
CA VAL A 213 -18.46 20.03 15.46
C VAL A 213 -18.78 20.63 14.11
N VAL A 214 -18.04 20.28 13.05
CA VAL A 214 -18.27 20.81 11.74
C VAL A 214 -19.18 19.86 11.04
N GLN A 215 -20.29 20.32 10.54
CA GLN A 215 -21.29 19.43 9.89
C GLN A 215 -21.59 20.03 8.53
N THR A 216 -21.66 19.20 7.51
CA THR A 216 -22.02 19.66 6.17
C THR A 216 -23.52 19.46 5.97
N THR A 217 -24.05 19.91 4.83
CA THR A 217 -25.50 19.87 4.66
C THR A 217 -26.06 18.50 4.30
N ARG A 218 -25.19 17.54 3.95
N ARG A 218 -25.18 17.55 3.99
CA ARG A 218 -25.56 16.15 3.84
CA ARG A 218 -25.54 16.17 3.84
C ARG A 218 -24.27 15.37 3.87
C ARG A 218 -24.26 15.38 3.87
N ASP A 219 -24.18 14.43 4.78
CA ASP A 219 -22.98 13.60 4.94
C ASP A 219 -23.48 12.16 4.99
N VAL A 220 -23.09 11.34 4.03
CA VAL A 220 -23.58 9.96 3.98
C VAL A 220 -23.27 9.15 5.24
N SER A 221 -22.24 9.54 5.99
CA SER A 221 -21.85 8.84 7.19
C SER A 221 -22.47 9.40 8.48
N VAL A 222 -23.01 10.61 8.41
CA VAL A 222 -23.36 11.36 9.61
C VAL A 222 -24.68 12.08 9.41
N PRO A 223 -25.77 11.47 9.84
CA PRO A 223 -27.06 12.21 9.82
C PRO A 223 -26.96 13.53 10.57
N ALA A 224 -27.79 14.51 10.21
CA ALA A 224 -27.81 15.79 10.95
C ALA A 224 -28.09 15.59 12.44
N SER A 225 -28.90 14.61 12.76
CA SER A 225 -29.21 14.40 14.17
C SER A 225 -28.02 13.89 14.99
N VAL A 226 -26.99 13.34 14.32
CA VAL A 226 -25.79 12.92 15.04
C VAL A 226 -24.99 14.11 15.48
N ALA A 227 -24.86 15.13 14.60
CA ALA A 227 -24.22 16.36 15.02
C ALA A 227 -24.91 16.97 16.24
N ALA A 228 -26.24 16.99 16.24
CA ALA A 228 -26.97 17.50 17.38
C ALA A 228 -26.71 16.68 18.62
N TYR A 229 -26.63 15.37 18.44
CA TYR A 229 -26.33 14.48 19.60
C TYR A 229 -24.97 14.83 20.21
N LEU A 230 -23.95 14.99 19.34
CA LEU A 230 -22.65 15.38 19.84
C LEU A 230 -22.74 16.70 20.61
N LYS A 231 -23.43 17.72 20.07
CA LYS A 231 -23.55 19.01 20.79
C LYS A 231 -24.23 18.82 22.14
N ALA A 232 -25.22 17.93 22.19
CA ALA A 232 -25.97 17.71 23.46
C ALA A 232 -25.15 16.97 24.51
N HIS A 233 -24.23 16.08 24.08
CA HIS A 233 -23.62 15.13 25.03
C HIS A 233 -22.15 15.32 25.30
N LEU A 234 -21.42 15.97 24.38
CA LEU A 234 -19.98 16.22 24.67
C LEU A 234 -19.89 17.09 25.91
N GLY A 235 -18.90 16.77 26.75
CA GLY A 235 -18.78 17.42 28.06
C GLY A 235 -18.21 18.79 28.11
N GLY A 236 -17.57 19.25 27.05
CA GLY A 236 -17.03 20.61 27.01
C GLY A 236 -17.96 21.57 26.34
N ARG A 237 -17.53 22.81 26.26
CA ARG A 237 -18.36 23.83 25.59
C ARG A 237 -18.35 23.55 24.11
N THR A 238 -19.47 23.16 23.56
CA THR A 238 -19.56 22.64 22.20
C THR A 238 -20.48 23.49 21.33
N THR A 239 -20.02 23.70 20.12
CA THR A 239 -20.83 24.35 19.14
C THR A 239 -20.83 23.51 17.86
N VAL A 240 -21.85 23.70 17.04
CA VAL A 240 -21.93 23.11 15.69
C VAL A 240 -21.79 24.22 14.68
N GLU A 241 -20.87 24.03 13.75
CA GLU A 241 -20.68 24.95 12.65
C GLU A 241 -21.12 24.23 11.39
N PHE A 242 -22.13 24.79 10.75
CA PHE A 242 -22.66 24.21 9.54
C PHE A 242 -21.96 24.76 8.30
N LEU A 243 -21.27 23.98 7.51
CA LEU A 243 -20.74 24.41 6.21
C LEU A 243 -21.84 24.53 5.22
N GLN A 244 -21.74 25.43 4.26
CA GLN A 244 -22.85 25.62 3.34
C GLN A 244 -22.64 24.82 2.05
N THR A 245 -22.07 23.61 2.18
N THR A 245 -22.18 23.59 2.24
CA THR A 245 -21.89 22.64 1.09
CA THR A 245 -22.16 22.65 1.16
C THR A 245 -22.12 21.26 1.69
C THR A 245 -22.16 21.25 1.71
N GLU A 246 -22.24 20.27 0.82
CA GLU A 246 -22.46 18.88 1.26
C GLU A 246 -21.15 18.06 1.19
N GLY A 247 -21.21 16.93 1.81
CA GLY A 247 -20.22 15.89 1.64
C GLY A 247 -19.59 15.41 2.94
N HIS A 248 -18.93 14.29 2.87
CA HIS A 248 -18.23 13.78 4.04
C HIS A 248 -16.78 14.23 4.11
N LEU A 249 -16.24 14.77 3.02
CA LEU A 249 -14.80 15.09 2.92
C LEU A 249 -14.62 16.54 2.48
N PRO A 250 -15.13 17.50 3.30
CA PRO A 250 -15.05 18.90 2.90
C PRO A 250 -13.63 19.43 2.78
N HIS A 251 -12.66 18.82 3.45
CA HIS A 251 -11.26 19.20 3.21
C HIS A 251 -10.77 18.91 1.81
N LEU A 252 -11.43 17.93 1.14
CA LEU A 252 -11.15 17.69 -0.26
C LEU A 252 -12.06 18.47 -1.20
N SER A 253 -13.34 18.59 -0.87
CA SER A 253 -14.32 19.13 -1.80
C SER A 253 -14.57 20.62 -1.66
N ALA A 254 -14.34 21.20 -0.49
CA ALA A 254 -14.58 22.59 -0.23
C ALA A 254 -13.56 23.16 0.76
N PRO A 255 -12.28 22.98 0.43
CA PRO A 255 -11.24 23.36 1.42
C PRO A 255 -11.26 24.83 1.80
N SER A 256 -11.51 25.73 0.86
N SER A 256 -11.49 25.72 0.85
CA SER A 256 -11.54 27.15 1.24
CA SER A 256 -11.49 27.13 1.23
C SER A 256 -12.63 27.45 2.25
C SER A 256 -12.62 27.47 2.21
N LEU A 257 -13.79 26.85 2.08
CA LEU A 257 -14.88 27.06 3.05
C LEU A 257 -14.50 26.46 4.38
N LEU A 258 -13.98 25.23 4.36
CA LEU A 258 -13.60 24.60 5.64
C LEU A 258 -12.54 25.41 6.34
N ALA A 259 -11.61 26.00 5.57
CA ALA A 259 -10.54 26.77 6.19
C ALA A 259 -11.04 27.97 6.98
N GLN A 260 -12.16 28.58 6.56
CA GLN A 260 -12.75 29.66 7.31
C GLN A 260 -13.19 29.23 8.73
N VAL A 261 -13.83 28.08 8.75
CA VAL A 261 -14.27 27.52 10.05
C VAL A 261 -13.06 27.21 10.89
N LEU A 262 -12.01 26.60 10.27
CA LEU A 262 -10.84 26.27 11.06
C LEU A 262 -10.15 27.51 11.61
N ARG A 263 -10.02 28.56 10.80
CA ARG A 263 -9.38 29.77 11.32
C ARG A 263 -10.15 30.35 12.53
N ARG A 264 -11.45 30.31 12.45
CA ARG A 264 -12.24 30.80 13.57
C ARG A 264 -12.13 29.92 14.81
N ALA A 265 -12.14 28.63 14.59
CA ALA A 265 -12.13 27.69 15.73
C ALA A 265 -10.74 27.66 16.38
N LEU A 266 -9.69 27.96 15.64
CA LEU A 266 -8.36 27.83 16.13
C LEU A 266 -7.78 29.18 16.58
N ALA A 267 -8.60 30.22 16.64
CA ALA A 267 -8.12 31.54 16.98
C ALA A 267 -7.59 31.64 18.41
N ARG A 268 -8.37 31.11 19.36
CA ARG A 268 -8.01 31.11 20.78
C ARG A 268 -8.36 29.81 21.41
N TYR A 269 -7.45 29.31 22.17
CA TYR A 269 -7.75 28.09 22.92
C TYR A 269 -6.81 27.86 24.06
N SER B 3 18.00 -30.55 -0.30
CA SER B 3 18.11 -29.03 -0.40
C SER B 3 16.83 -28.38 0.03
N GLY B 4 15.73 -28.82 -0.57
CA GLY B 4 14.44 -28.05 -0.38
C GLY B 4 14.01 -27.92 1.04
N ALA B 5 14.29 -28.96 1.81
CA ALA B 5 13.82 -28.89 3.14
C ALA B 5 14.41 -27.69 3.84
N LYS B 6 15.73 -27.54 3.78
CA LYS B 6 16.37 -26.43 4.51
C LYS B 6 16.09 -25.09 3.87
N LEU B 7 15.87 -25.07 2.55
CA LEU B 7 15.52 -23.84 1.85
C LEU B 7 14.18 -23.31 2.32
N LEU B 8 13.24 -24.15 2.81
CA LEU B 8 12.02 -23.64 3.36
C LEU B 8 12.25 -22.59 4.39
N GLN B 9 13.24 -22.83 5.24
N GLN B 9 13.27 -22.78 5.21
CA GLN B 9 13.60 -21.88 6.25
CA GLN B 9 13.59 -21.83 6.24
C GLN B 9 14.54 -20.76 5.77
C GLN B 9 14.55 -20.73 5.75
N ILE B 10 15.60 -21.12 5.05
CA ILE B 10 16.57 -20.16 4.58
C ILE B 10 15.97 -19.06 3.70
N LEU B 11 15.04 -19.49 2.86
CA LEU B 11 14.37 -18.54 1.91
C LEU B 11 13.05 -18.04 2.41
N ASN B 12 12.76 -18.25 3.72
CA ASN B 12 11.62 -17.61 4.36
C ASN B 12 10.33 -17.95 3.67
N VAL B 13 10.10 -19.23 3.36
CA VAL B 13 8.88 -19.59 2.64
C VAL B 13 7.66 -19.36 3.55
N ARG B 14 6.61 -18.82 2.97
N ARG B 14 6.60 -18.86 2.94
CA ARG B 14 5.32 -18.65 3.64
CA ARG B 14 5.29 -18.66 3.59
C ARG B 14 4.22 -19.14 2.74
C ARG B 14 4.24 -19.23 2.70
N VAL B 15 3.21 -19.80 3.31
CA VAL B 15 2.05 -20.27 2.58
C VAL B 15 0.82 -19.65 3.22
N VAL B 16 0.04 -18.94 2.46
CA VAL B 16 -1.13 -18.22 2.95
C VAL B 16 -2.29 -18.46 2.02
N GLY B 17 -3.48 -18.13 2.45
CA GLY B 17 -4.65 -18.21 1.59
C GLY B 17 -5.42 -19.47 1.75
N SER B 18 -6.29 -19.75 0.82
CA SER B 18 -7.33 -20.70 1.00
C SER B 18 -7.40 -21.62 -0.17
N GLY B 19 -7.98 -22.78 0.10
CA GLY B 19 -8.20 -23.78 -0.96
C GLY B 19 -6.93 -24.46 -1.44
N GLU B 20 -7.01 -24.96 -2.68
CA GLU B 20 -6.02 -25.86 -3.26
C GLU B 20 -5.52 -25.35 -4.60
N ARG B 21 -5.98 -24.19 -5.11
CA ARG B 21 -5.37 -23.63 -6.37
C ARG B 21 -4.14 -22.82 -6.01
N VAL B 22 -2.98 -23.39 -6.32
CA VAL B 22 -1.71 -22.91 -5.82
C VAL B 22 -1.10 -21.88 -6.73
N VAL B 23 -0.69 -20.73 -6.18
CA VAL B 23 -0.01 -19.66 -6.89
C VAL B 23 1.28 -19.33 -6.15
N VAL B 24 2.41 -19.33 -6.90
CA VAL B 24 3.68 -18.90 -6.36
C VAL B 24 3.92 -17.48 -6.73
N LEU B 25 4.30 -16.66 -5.76
CA LEU B 25 4.75 -15.28 -6.03
C LEU B 25 6.24 -15.20 -5.81
N SER B 26 6.98 -14.79 -6.84
CA SER B 26 8.44 -14.78 -6.80
C SER B 26 8.94 -13.36 -7.17
N HIS B 27 9.62 -12.70 -6.26
CA HIS B 27 9.92 -11.29 -6.39
C HIS B 27 11.13 -11.01 -7.33
N GLY B 28 11.29 -9.73 -7.62
CA GLY B 28 12.37 -9.30 -8.49
C GLY B 28 13.53 -8.69 -7.78
N PHE B 29 14.37 -8.03 -8.59
CA PHE B 29 15.58 -7.41 -8.08
C PHE B 29 15.27 -6.32 -7.10
N GLY B 30 16.02 -6.26 -6.00
CA GLY B 30 15.92 -5.13 -5.14
C GLY B 30 14.89 -5.22 -4.04
N THR B 31 14.13 -6.31 -4.05
CA THR B 31 13.04 -6.50 -3.08
C THR B 31 13.21 -7.83 -2.40
N ASP B 32 12.32 -8.07 -1.43
CA ASP B 32 12.06 -9.37 -0.88
C ASP B 32 10.57 -9.70 -1.13
N GLN B 33 10.06 -10.74 -0.48
CA GLN B 33 8.68 -11.10 -0.70
C GLN B 33 7.70 -10.06 -0.16
N SER B 34 8.16 -9.14 0.69
CA SER B 34 7.27 -8.09 1.19
C SER B 34 6.79 -7.18 0.05
N ALA B 35 7.45 -7.17 -1.10
CA ALA B 35 6.95 -6.38 -2.22
C ALA B 35 5.59 -6.86 -2.66
N TRP B 36 5.22 -8.09 -2.39
CA TRP B 36 3.91 -8.61 -2.71
C TRP B 36 2.81 -8.23 -1.70
N SER B 37 3.19 -7.56 -0.61
CA SER B 37 2.22 -7.33 0.48
C SER B 37 0.95 -6.64 0.04
N ARG B 38 1.11 -5.64 -0.84
CA ARG B 38 -0.04 -4.83 -1.22
C ARG B 38 -1.00 -5.58 -2.14
N VAL B 39 -0.50 -6.48 -3.01
CA VAL B 39 -1.35 -7.21 -3.89
CA VAL B 39 -1.39 -7.25 -3.89
C VAL B 39 -1.93 -8.49 -3.23
N LEU B 40 -1.21 -9.01 -2.23
CA LEU B 40 -1.51 -10.35 -1.69
C LEU B 40 -2.99 -10.53 -1.26
N PRO B 41 -3.62 -9.55 -0.57
CA PRO B 41 -4.98 -9.78 -0.13
C PRO B 41 -6.00 -9.83 -1.25
N TYR B 42 -5.62 -9.43 -2.46
CA TYR B 42 -6.49 -9.60 -3.63
C TYR B 42 -6.53 -11.03 -4.10
N LEU B 43 -5.63 -11.88 -3.61
CA LEU B 43 -5.53 -13.29 -4.02
C LEU B 43 -5.94 -14.30 -2.97
N THR B 44 -5.78 -13.97 -1.70
CA THR B 44 -5.83 -15.00 -0.65
C THR B 44 -7.23 -15.53 -0.33
N ARG B 45 -8.31 -14.86 -0.77
CA ARG B 45 -9.63 -15.47 -0.54
C ARG B 45 -9.79 -16.72 -1.36
N ASP B 46 -9.12 -16.71 -2.49
CA ASP B 46 -9.32 -17.62 -3.62
C ASP B 46 -8.27 -18.56 -4.05
N HIS B 47 -7.06 -18.31 -3.54
CA HIS B 47 -5.88 -19.02 -3.94
C HIS B 47 -5.09 -19.39 -2.72
N ARG B 48 -4.30 -20.47 -2.86
CA ARG B 48 -3.29 -20.83 -1.87
CA ARG B 48 -3.28 -20.83 -1.84
C ARG B 48 -1.96 -20.28 -2.37
N VAL B 49 -1.41 -19.30 -1.67
CA VAL B 49 -0.30 -18.51 -2.19
C VAL B 49 1.00 -18.89 -1.48
N VAL B 50 2.00 -19.25 -2.25
CA VAL B 50 3.35 -19.55 -1.76
C VAL B 50 4.22 -18.38 -2.02
N LEU B 51 4.87 -17.82 -1.03
CA LEU B 51 5.84 -16.74 -1.17
C LEU B 51 7.20 -17.19 -0.67
N TYR B 52 8.28 -16.64 -1.20
CA TYR B 52 9.62 -16.96 -0.72
C TYR B 52 10.55 -15.84 -1.14
N ASP B 53 11.70 -15.78 -0.52
CA ASP B 53 12.73 -14.81 -0.87
C ASP B 53 13.77 -15.49 -1.74
N LEU B 54 14.15 -14.79 -2.85
CA LEU B 54 15.37 -15.22 -3.56
C LEU B 54 16.54 -15.15 -2.62
N VAL B 55 17.58 -15.97 -2.88
CA VAL B 55 18.71 -16.01 -2.00
C VAL B 55 19.42 -14.65 -1.89
N CYS B 56 19.28 -13.81 -2.92
CA CYS B 56 19.93 -12.53 -2.91
C CYS B 56 19.23 -11.45 -2.11
N ALA B 57 18.01 -11.75 -1.62
CA ALA B 57 17.29 -10.76 -0.84
C ALA B 57 18.02 -10.41 0.43
N GLY B 58 17.89 -9.16 0.90
CA GLY B 58 18.50 -8.80 2.17
C GLY B 58 17.95 -9.47 3.40
N SER B 59 16.77 -10.03 3.27
CA SER B 59 16.09 -10.75 4.35
C SER B 59 16.60 -12.20 4.47
N VAL B 60 17.47 -12.63 3.58
CA VAL B 60 18.13 -13.97 3.64
C VAL B 60 19.53 -13.74 4.23
N ASN B 61 19.95 -14.61 5.09
CA ASN B 61 21.28 -14.47 5.69
C ASN B 61 22.32 -14.41 4.53
N PRO B 62 23.13 -13.36 4.47
CA PRO B 62 24.11 -13.26 3.38
C PRO B 62 25.13 -14.36 3.38
N ASP B 63 25.33 -15.04 4.54
CA ASP B 63 26.26 -16.14 4.58
C ASP B 63 25.80 -17.32 3.72
N HIS B 64 24.51 -17.38 3.32
CA HIS B 64 24.05 -18.42 2.43
C HIS B 64 24.33 -18.12 0.93
N PHE B 65 24.75 -16.91 0.63
CA PHE B 65 24.97 -16.54 -0.77
C PHE B 65 26.24 -17.15 -1.31
N ASP B 66 26.08 -18.04 -2.25
CA ASP B 66 27.21 -18.77 -2.83
C ASP B 66 27.52 -18.12 -4.19
N PHE B 67 28.62 -17.39 -4.24
CA PHE B 67 29.00 -16.62 -5.43
C PHE B 67 29.35 -17.49 -6.61
N ARG B 68 29.66 -18.78 -6.41
CA ARG B 68 29.84 -19.69 -7.48
CA ARG B 68 29.86 -19.68 -7.53
C ARG B 68 28.50 -20.14 -8.07
N ARG B 69 27.72 -20.83 -7.22
CA ARG B 69 26.51 -21.41 -7.66
C ARG B 69 25.55 -20.41 -8.34
N TYR B 70 25.42 -19.27 -7.70
CA TYR B 70 24.44 -18.31 -8.12
C TYR B 70 24.94 -17.34 -9.24
N ASP B 71 26.05 -17.67 -9.88
CA ASP B 71 26.44 -16.94 -11.07
C ASP B 71 25.72 -17.37 -12.32
N ASN B 72 24.70 -18.18 -12.20
CA ASN B 72 23.83 -18.64 -13.30
CA ASN B 72 23.83 -18.50 -13.31
C ASN B 72 22.44 -18.70 -12.73
N LEU B 73 21.44 -18.29 -13.50
CA LEU B 73 20.05 -18.38 -13.03
C LEU B 73 19.60 -19.79 -12.80
N ASP B 74 20.23 -20.78 -13.39
CA ASP B 74 19.84 -22.15 -13.16
C ASP B 74 19.87 -22.50 -11.66
N ALA B 75 20.77 -21.91 -10.87
CA ALA B 75 20.81 -22.22 -9.43
C ALA B 75 19.59 -21.64 -8.67
N TYR B 76 19.11 -20.46 -9.12
CA TYR B 76 17.86 -19.91 -8.56
C TYR B 76 16.69 -20.80 -8.95
N VAL B 77 16.68 -21.36 -10.14
CA VAL B 77 15.65 -22.31 -10.55
C VAL B 77 15.71 -23.54 -9.61
N ASP B 78 16.91 -24.05 -9.36
CA ASP B 78 17.01 -25.21 -8.44
C ASP B 78 16.31 -24.94 -7.13
N ASP B 79 16.55 -23.75 -6.58
CA ASP B 79 15.95 -23.44 -5.26
C ASP B 79 14.43 -23.42 -5.35
N LEU B 80 13.87 -22.81 -6.38
CA LEU B 80 12.41 -22.77 -6.57
C LEU B 80 11.86 -24.18 -6.64
N LEU B 81 12.47 -25.05 -7.46
CA LEU B 81 11.98 -26.40 -7.61
C LEU B 81 12.09 -27.18 -6.33
N ALA B 82 13.17 -26.96 -5.60
CA ALA B 82 13.33 -27.67 -4.32
C ALA B 82 12.24 -27.31 -3.32
N ILE B 83 11.90 -26.03 -3.29
CA ILE B 83 10.80 -25.56 -2.39
C ILE B 83 9.53 -26.22 -2.81
N LEU B 84 9.17 -26.19 -4.08
CA LEU B 84 7.88 -26.78 -4.51
C LEU B 84 7.83 -28.27 -4.26
N ASP B 85 8.95 -28.95 -4.47
CA ASP B 85 9.01 -30.40 -4.21
C ASP B 85 8.91 -30.68 -2.70
N ALA B 86 9.55 -29.87 -1.89
CA ALA B 86 9.48 -30.09 -0.43
C ALA B 86 8.07 -29.92 0.05
N LEU B 87 7.38 -28.93 -0.48
CA LEU B 87 5.98 -28.63 -0.12
C LEU B 87 5.03 -29.65 -0.74
N ARG B 88 5.50 -30.57 -1.58
CA ARG B 88 4.67 -31.58 -2.23
C ARG B 88 3.60 -30.97 -3.07
N ILE B 89 3.98 -29.91 -3.81
CA ILE B 89 3.05 -29.24 -4.72
C ILE B 89 3.32 -29.80 -6.15
N PRO B 90 2.35 -30.48 -6.75
CA PRO B 90 2.62 -31.06 -8.05
C PRO B 90 2.28 -30.17 -9.24
N ARG B 91 1.52 -29.08 -8.99
CA ARG B 91 1.07 -28.22 -10.05
CA ARG B 91 1.16 -28.16 -10.06
C ARG B 91 0.80 -26.84 -9.45
N CYS B 92 1.18 -25.77 -10.13
CA CYS B 92 0.90 -24.42 -9.67
C CYS B 92 0.87 -23.47 -10.84
N ALA B 93 0.34 -22.28 -10.55
CA ALA B 93 0.61 -21.09 -11.36
C ALA B 93 1.79 -20.35 -10.73
N PHE B 94 2.58 -19.71 -11.55
CA PHE B 94 3.77 -19.00 -11.08
C PHE B 94 3.72 -17.57 -11.56
N VAL B 95 3.86 -16.63 -10.66
CA VAL B 95 3.93 -15.21 -10.95
C VAL B 95 5.30 -14.71 -10.61
N GLY B 96 6.07 -14.22 -11.63
CA GLY B 96 7.41 -13.77 -11.40
C GLY B 96 7.64 -12.35 -11.89
N HIS B 97 8.31 -11.55 -11.10
CA HIS B 97 8.71 -10.23 -11.48
CA HIS B 97 8.69 -10.20 -11.49
C HIS B 97 10.17 -10.24 -11.88
N SER B 98 10.52 -9.62 -13.03
CA SER B 98 11.96 -9.26 -13.38
C SER B 98 12.72 -10.59 -13.41
N VAL B 99 13.78 -10.67 -12.65
CA VAL B 99 14.60 -11.87 -12.61
C VAL B 99 13.77 -13.10 -12.32
N SER B 100 12.73 -13.00 -11.47
CA SER B 100 11.87 -14.16 -11.30
C SER B 100 11.04 -14.59 -12.45
N ALA B 101 10.75 -13.65 -13.39
CA ALA B 101 10.13 -14.07 -14.62
C ALA B 101 11.09 -14.97 -15.42
N MET B 102 12.37 -14.59 -15.43
CA MET B 102 13.40 -15.39 -16.09
C MET B 102 13.56 -16.76 -15.44
N ILE B 103 13.54 -16.77 -14.09
CA ILE B 103 13.57 -18.03 -13.31
C ILE B 103 12.38 -18.89 -13.67
N GLY B 104 11.17 -18.30 -13.73
CA GLY B 104 10.01 -19.06 -14.08
C GLY B 104 10.02 -19.65 -15.47
N ILE B 105 10.49 -18.89 -16.45
CA ILE B 105 10.66 -19.43 -17.79
C ILE B 105 11.54 -20.70 -17.73
N LEU B 106 12.69 -20.57 -17.11
CA LEU B 106 13.61 -21.68 -17.02
C LEU B 106 13.03 -22.85 -16.26
N ALA B 107 12.33 -22.58 -15.15
CA ALA B 107 11.76 -23.64 -14.34
C ALA B 107 10.70 -24.43 -15.11
N SER B 108 9.92 -23.69 -15.93
CA SER B 108 8.84 -24.32 -16.71
C SER B 108 9.37 -25.22 -17.81
N ILE B 109 10.63 -24.99 -18.21
CA ILE B 109 11.33 -25.90 -19.14
C ILE B 109 11.86 -27.08 -18.38
N ARG B 110 12.43 -26.84 -17.23
CA ARG B 110 13.00 -27.92 -16.41
C ARG B 110 11.96 -28.93 -15.97
N ARG B 111 10.79 -28.40 -15.61
CA ARG B 111 9.75 -29.19 -14.98
C ARG B 111 8.40 -28.79 -15.57
N PRO B 112 8.11 -29.20 -16.81
CA PRO B 112 6.86 -28.70 -17.48
C PRO B 112 5.61 -29.13 -16.82
N ASP B 113 5.60 -30.24 -16.13
CA ASP B 113 4.37 -30.67 -15.50
C ASP B 113 3.98 -29.87 -14.26
N LEU B 114 4.95 -29.17 -13.68
CA LEU B 114 4.71 -28.41 -12.47
C LEU B 114 4.03 -27.06 -12.66
N PHE B 115 4.22 -26.49 -13.83
CA PHE B 115 3.77 -25.13 -14.10
C PHE B 115 2.61 -25.09 -15.04
N ALA B 116 1.44 -24.83 -14.52
CA ALA B 116 0.19 -24.78 -15.31
C ALA B 116 0.04 -23.48 -16.05
N LYS B 117 0.65 -22.41 -15.54
CA LYS B 117 0.53 -21.08 -16.12
C LYS B 117 1.63 -20.22 -15.54
N LEU B 118 2.18 -19.35 -16.39
CA LEU B 118 3.14 -18.35 -15.94
C LEU B 118 2.55 -16.97 -16.10
N VAL B 119 2.80 -16.09 -15.14
CA VAL B 119 2.49 -14.68 -15.26
C VAL B 119 3.78 -13.94 -15.04
N LEU B 120 4.22 -13.21 -16.08
CA LEU B 120 5.51 -12.56 -16.12
C LEU B 120 5.32 -11.07 -15.97
N ILE B 121 5.96 -10.40 -15.04
CA ILE B 121 5.79 -8.97 -14.78
C ILE B 121 7.13 -8.30 -14.89
N GLY B 122 7.21 -7.21 -15.67
CA GLY B 122 8.50 -6.53 -15.81
C GLY B 122 9.60 -7.43 -16.40
N ALA B 123 9.19 -8.28 -17.35
CA ALA B 123 10.02 -9.38 -17.82
C ALA B 123 10.73 -9.10 -19.18
N SER B 124 11.98 -9.57 -19.23
CA SER B 124 12.75 -9.52 -20.44
C SER B 124 13.59 -10.78 -20.59
N PRO B 125 13.74 -11.29 -21.80
CA PRO B 125 14.62 -12.43 -22.01
C PRO B 125 16.09 -12.03 -22.22
N ARG B 126 16.35 -10.72 -22.36
CA ARG B 126 17.71 -10.30 -22.65
C ARG B 126 17.65 -8.78 -22.57
N PHE B 127 18.43 -8.19 -21.67
CA PHE B 127 18.50 -6.75 -21.54
CA PHE B 127 18.49 -6.75 -21.53
C PHE B 127 19.38 -6.09 -22.59
N LEU B 128 20.46 -6.75 -23.00
CA LEU B 128 21.38 -6.15 -23.94
C LEU B 128 20.83 -6.16 -25.36
N ASN B 129 21.10 -5.07 -26.07
CA ASN B 129 20.71 -5.03 -27.49
C ASN B 129 21.52 -6.05 -28.29
N ASP B 130 20.97 -6.45 -29.43
CA ASP B 130 21.67 -7.37 -30.38
C ASP B 130 21.09 -6.94 -31.77
N SER B 131 21.56 -7.52 -32.84
CA SER B 131 21.07 -7.22 -34.21
C SER B 131 19.55 -7.44 -34.32
N ASP B 132 18.88 -6.37 -34.62
CA ASP B 132 17.40 -6.29 -34.74
C ASP B 132 16.71 -6.73 -33.50
N TYR B 133 17.41 -6.76 -32.39
CA TYR B 133 16.84 -7.04 -31.07
C TYR B 133 17.17 -5.85 -30.19
N HIS B 134 16.11 -5.19 -29.74
CA HIS B 134 16.21 -4.05 -28.87
C HIS B 134 15.81 -4.52 -27.45
N GLY B 135 16.83 -4.68 -26.59
CA GLY B 135 16.58 -5.00 -25.21
C GLY B 135 16.53 -3.81 -24.28
N GLY B 136 17.15 -2.72 -24.70
CA GLY B 136 17.15 -1.48 -24.00
C GLY B 136 18.48 -0.98 -23.54
N PHE B 137 19.52 -1.84 -23.56
CA PHE B 137 20.80 -1.50 -22.94
C PHE B 137 21.95 -1.86 -23.85
N GLU B 138 22.99 -1.04 -23.83
CA GLU B 138 24.26 -1.37 -24.45
C GLU B 138 25.25 -1.86 -23.39
N LEU B 139 26.27 -2.55 -23.87
CA LEU B 139 27.27 -3.11 -22.96
C LEU B 139 27.91 -2.01 -22.11
N GLU B 140 28.26 -0.91 -22.76
CA GLU B 140 28.92 0.16 -22.01
C GLU B 140 28.04 0.85 -20.98
N GLU B 141 26.75 0.90 -21.29
CA GLU B 141 25.75 1.42 -20.35
C GLU B 141 25.75 0.63 -19.10
N ILE B 142 25.64 -0.66 -19.28
CA ILE B 142 25.55 -1.52 -18.12
C ILE B 142 26.87 -1.61 -17.38
N GLN B 143 27.98 -1.48 -18.09
CA GLN B 143 29.24 -1.42 -17.35
C GLN B 143 29.27 -0.17 -16.42
N GLN B 144 28.76 0.95 -16.90
CA GLN B 144 28.67 2.14 -16.04
C GLN B 144 27.80 1.95 -14.82
N VAL B 145 26.74 1.19 -14.96
CA VAL B 145 25.89 0.81 -13.80
C VAL B 145 26.73 0.02 -12.82
N PHE B 146 27.42 -0.97 -13.33
CA PHE B 146 28.20 -1.83 -12.41
C PHE B 146 29.26 -0.99 -11.67
N ASP B 147 29.87 -0.07 -12.42
CA ASP B 147 30.87 0.81 -11.79
C ASP B 147 30.27 1.68 -10.69
N ALA B 148 29.11 2.28 -10.97
CA ALA B 148 28.45 3.09 -9.94
C ALA B 148 28.03 2.29 -8.72
N MET B 149 27.50 1.08 -8.96
CA MET B 149 27.03 0.25 -7.87
C MET B 149 28.18 -0.12 -6.96
N GLY B 150 29.34 -0.35 -7.58
CA GLY B 150 30.54 -0.73 -6.88
C GLY B 150 31.16 0.49 -6.16
N ALA B 151 31.14 1.65 -6.79
CA ALA B 151 31.79 2.85 -6.19
C ALA B 151 31.01 3.47 -5.05
N ASN B 152 29.70 3.50 -5.19
CA ASN B 152 28.87 4.17 -4.17
C ASN B 152 27.51 3.60 -4.26
N TYR B 153 27.34 2.43 -3.68
CA TYR B 153 26.07 1.74 -3.76
C TYR B 153 24.91 2.59 -3.20
N SER B 154 25.12 3.24 -2.06
CA SER B 154 24.08 4.07 -1.47
C SER B 154 23.59 5.16 -2.38
N ALA B 155 24.51 5.87 -2.99
CA ALA B 155 24.13 6.99 -3.88
C ALA B 155 23.45 6.45 -5.14
N TRP B 156 23.97 5.32 -5.65
CA TRP B 156 23.40 4.66 -6.83
C TRP B 156 21.93 4.31 -6.48
N ALA B 157 21.75 3.63 -5.37
CA ALA B 157 20.41 3.14 -5.03
C ALA B 157 19.43 4.31 -4.85
N THR B 158 19.90 5.39 -4.23
CA THR B 158 19.05 6.60 -4.08
C THR B 158 18.59 7.19 -5.39
N GLY B 159 19.47 7.21 -6.39
CA GLY B 159 19.06 7.68 -7.72
C GLY B 159 18.20 6.67 -8.46
N TYR B 160 18.46 5.37 -8.24
CA TYR B 160 17.82 4.34 -9.02
C TYR B 160 16.37 4.14 -8.58
N ALA B 161 16.12 4.14 -7.28
CA ALA B 161 14.81 3.76 -6.75
C ALA B 161 13.64 4.52 -7.44
N PRO B 162 13.71 5.87 -7.54
CA PRO B 162 12.62 6.55 -8.23
C PRO B 162 12.49 6.24 -9.70
N LEU B 163 13.60 5.92 -10.36
CA LEU B 163 13.57 5.53 -11.77
C LEU B 163 12.88 4.21 -11.96
N ALA B 164 13.16 3.26 -11.09
CA ALA B 164 12.55 1.95 -11.16
C ALA B 164 11.03 2.05 -10.88
N VAL B 165 10.67 2.81 -9.85
CA VAL B 165 9.23 3.03 -9.52
C VAL B 165 8.53 3.76 -10.68
N GLY B 166 9.20 4.76 -11.25
CA GLY B 166 8.71 5.44 -12.46
C GLY B 166 7.69 6.51 -12.14
N ALA B 167 6.55 6.09 -11.70
CA ALA B 167 5.47 7.01 -11.23
C ALA B 167 5.80 7.75 -9.95
N ASP B 168 5.14 8.89 -9.73
CA ASP B 168 5.22 9.62 -8.46
C ASP B 168 4.33 8.95 -7.39
N VAL B 169 4.89 7.91 -6.74
CA VAL B 169 4.22 7.21 -5.69
C VAL B 169 5.22 7.09 -4.54
N PRO B 170 5.19 8.08 -3.63
CA PRO B 170 6.26 8.09 -2.63
C PRO B 170 6.43 6.83 -1.81
N ALA B 171 5.34 6.20 -1.39
CA ALA B 171 5.48 4.99 -0.56
C ALA B 171 6.16 3.86 -1.29
N ALA B 172 5.96 3.82 -2.62
CA ALA B 172 6.61 2.82 -3.42
C ALA B 172 8.12 3.10 -3.55
N VAL B 173 8.47 4.36 -3.73
CA VAL B 173 9.89 4.71 -3.70
C VAL B 173 10.52 4.31 -2.35
N GLN B 174 9.85 4.67 -1.24
CA GLN B 174 10.33 4.38 0.08
CA GLN B 174 10.31 4.32 0.08
C GLN B 174 10.47 2.84 0.26
N GLU B 175 9.46 2.07 -0.12
CA GLU B 175 9.48 0.63 0.11
C GLU B 175 10.51 -0.10 -0.72
N PHE B 176 10.63 0.30 -1.99
CA PHE B 176 11.67 -0.23 -2.86
C PHE B 176 13.03 0.12 -2.34
N SER B 177 13.24 1.39 -1.99
N SER B 177 13.20 1.40 -2.00
CA SER B 177 14.52 1.82 -1.40
CA SER B 177 14.49 1.83 -1.47
C SER B 177 14.91 1.00 -0.17
C SER B 177 14.89 1.01 -0.19
N ARG B 178 13.94 0.75 0.69
CA ARG B 178 14.23 0.06 1.91
C ARG B 178 14.82 -1.32 1.61
N THR B 179 14.19 -2.08 0.75
CA THR B 179 14.68 -3.41 0.44
C THR B 179 15.93 -3.35 -0.42
N LEU B 180 16.09 -2.34 -1.26
CA LEU B 180 17.30 -2.21 -2.06
C LEU B 180 18.51 -1.95 -1.16
N PHE B 181 18.33 -1.07 -0.16
CA PHE B 181 19.37 -0.77 0.80
C PHE B 181 19.63 -1.93 1.75
N ASN B 182 18.66 -2.83 1.92
CA ASN B 182 18.83 -4.01 2.74
CA ASN B 182 18.83 -4.00 2.75
C ASN B 182 19.67 -5.10 2.12
N MET B 183 19.84 -5.06 0.79
CA MET B 183 20.71 -6.03 0.11
C MET B 183 22.15 -5.67 0.38
N ARG B 184 22.99 -6.67 0.52
CA ARG B 184 24.39 -6.40 0.68
C ARG B 184 24.96 -5.90 -0.69
N PRO B 185 25.71 -4.82 -0.69
CA PRO B 185 26.05 -4.24 -2.01
C PRO B 185 26.71 -5.19 -3.00
N ASP B 186 27.59 -6.06 -2.49
CA ASP B 186 28.29 -7.01 -3.37
C ASP B 186 27.35 -8.05 -3.96
N ILE B 187 26.36 -8.47 -3.16
CA ILE B 187 25.36 -9.41 -3.64
C ILE B 187 24.47 -8.78 -4.70
N SER B 188 24.09 -7.52 -4.44
CA SER B 188 23.28 -6.80 -5.38
CA SER B 188 23.29 -6.77 -5.43
C SER B 188 23.99 -6.71 -6.76
N LEU B 189 25.27 -6.31 -6.73
CA LEU B 189 26.04 -6.20 -7.98
C LEU B 189 26.10 -7.56 -8.67
N HIS B 190 26.35 -8.62 -7.89
CA HIS B 190 26.51 -9.94 -8.47
C HIS B 190 25.22 -10.39 -9.18
N VAL B 191 24.07 -10.14 -8.58
N VAL B 191 24.05 -10.21 -8.58
CA VAL B 191 22.82 -10.49 -9.23
CA VAL B 191 22.81 -10.66 -9.27
C VAL B 191 22.64 -9.75 -10.52
C VAL B 191 22.59 -9.76 -10.50
N CYS B 192 22.97 -8.47 -10.47
CA CYS B 192 22.85 -7.65 -11.68
CA CYS B 192 22.84 -7.68 -11.70
C CYS B 192 23.76 -8.17 -12.79
N GLN B 193 25.02 -8.51 -12.46
CA GLN B 193 25.96 -9.06 -13.46
C GLN B 193 25.41 -10.38 -14.03
N THR B 194 24.84 -11.21 -13.15
CA THR B 194 24.31 -12.50 -13.58
C THR B 194 23.16 -12.34 -14.54
N VAL B 195 22.22 -11.46 -14.20
CA VAL B 195 21.08 -11.24 -15.06
C VAL B 195 21.46 -10.61 -16.41
N PHE B 196 22.40 -9.66 -16.39
CA PHE B 196 22.80 -9.04 -17.65
CA PHE B 196 22.79 -9.00 -17.63
C PHE B 196 23.59 -9.92 -18.54
N LYS B 197 24.17 -10.99 -18.03
CA LYS B 197 24.81 -11.94 -18.92
C LYS B 197 23.87 -13.08 -19.41
N THR B 198 22.61 -13.08 -18.94
CA THR B 198 21.69 -14.12 -19.29
C THR B 198 20.97 -13.76 -20.60
N ASP B 199 20.77 -14.75 -21.48
CA ASP B 199 20.05 -14.56 -22.71
C ASP B 199 19.14 -15.75 -22.89
N LEU B 200 17.85 -15.54 -22.67
CA LEU B 200 16.86 -16.60 -22.73
C LEU B 200 16.20 -16.71 -24.07
N ARG B 201 16.58 -15.88 -25.05
CA ARG B 201 15.84 -15.88 -26.30
C ARG B 201 15.75 -17.24 -26.96
N GLY B 202 16.84 -18.00 -26.92
CA GLY B 202 16.87 -19.28 -27.56
C GLY B 202 16.12 -20.41 -26.93
N VAL B 203 15.60 -20.18 -25.73
CA VAL B 203 14.81 -21.22 -25.05
C VAL B 203 13.35 -20.85 -24.85
N LEU B 204 12.94 -19.64 -25.28
CA LEU B 204 11.55 -19.25 -25.09
C LEU B 204 10.56 -20.24 -25.68
N GLY B 205 10.93 -20.75 -26.88
CA GLY B 205 10.03 -21.67 -27.54
C GLY B 205 9.84 -23.00 -26.87
N MET B 206 10.67 -23.28 -25.86
CA MET B 206 10.60 -24.51 -25.10
C MET B 206 9.62 -24.42 -23.95
N VAL B 207 9.15 -23.22 -23.62
CA VAL B 207 8.10 -23.07 -22.61
C VAL B 207 6.78 -23.61 -23.20
N ARG B 208 6.15 -24.49 -22.46
CA ARG B 208 4.89 -25.13 -22.88
C ARG B 208 3.69 -24.49 -22.24
N ALA B 209 3.84 -23.93 -21.05
CA ALA B 209 2.70 -23.36 -20.29
C ALA B 209 2.10 -22.12 -20.94
N PRO B 210 0.78 -21.94 -20.84
CA PRO B 210 0.22 -20.63 -21.19
C PRO B 210 0.83 -19.54 -20.31
N CYS B 211 0.95 -18.37 -20.89
CA CYS B 211 1.63 -17.28 -20.27
CA CYS B 211 1.65 -17.26 -20.26
C CYS B 211 0.88 -15.96 -20.42
N VAL B 212 0.88 -15.16 -19.38
CA VAL B 212 0.45 -13.77 -19.42
C VAL B 212 1.63 -12.90 -19.15
N VAL B 213 1.92 -12.01 -20.10
CA VAL B 213 2.99 -11.03 -19.98
C VAL B 213 2.38 -9.74 -19.55
N VAL B 214 2.75 -9.20 -18.41
CA VAL B 214 2.17 -7.97 -17.89
C VAL B 214 3.19 -6.90 -18.12
N GLN B 215 2.75 -5.85 -18.81
CA GLN B 215 3.68 -4.79 -19.29
C GLN B 215 3.03 -3.45 -18.90
N THR B 216 3.80 -2.55 -18.33
CA THR B 216 3.27 -1.23 -18.04
C THR B 216 3.50 -0.33 -19.24
N THR B 217 3.01 0.93 -19.18
CA THR B 217 3.13 1.84 -20.32
C THR B 217 4.50 2.43 -20.50
N ARG B 218 5.32 2.41 -19.46
CA ARG B 218 6.68 2.87 -19.60
C ARG B 218 7.49 2.20 -18.46
N ASP B 219 8.46 1.36 -18.83
CA ASP B 219 9.21 0.58 -17.87
C ASP B 219 10.67 0.80 -18.20
N VAL B 220 11.47 1.32 -17.23
CA VAL B 220 12.87 1.66 -17.50
C VAL B 220 13.70 0.45 -17.92
N SER B 221 13.30 -0.77 -17.55
CA SER B 221 14.15 -1.89 -17.92
CA SER B 221 14.00 -2.01 -17.80
C SER B 221 13.58 -2.73 -19.06
N VAL B 222 12.36 -2.43 -19.54
CA VAL B 222 11.70 -3.31 -20.50
C VAL B 222 11.00 -2.45 -21.55
N PRO B 223 11.58 -2.29 -22.73
CA PRO B 223 10.83 -1.60 -23.86
C PRO B 223 9.58 -2.39 -24.20
N ALA B 224 8.54 -1.68 -24.63
CA ALA B 224 7.30 -2.29 -25.08
C ALA B 224 7.53 -3.43 -26.05
N SER B 225 8.47 -3.21 -26.97
CA SER B 225 8.67 -4.22 -27.96
C SER B 225 9.20 -5.52 -27.39
N VAL B 226 9.80 -5.50 -26.19
CA VAL B 226 10.24 -6.74 -25.53
C VAL B 226 9.06 -7.56 -25.09
N ALA B 227 8.00 -6.91 -24.60
CA ALA B 227 6.80 -7.69 -24.27
C ALA B 227 6.21 -8.36 -25.49
N ALA B 228 6.21 -7.64 -26.62
CA ALA B 228 5.76 -8.19 -27.89
C ALA B 228 6.71 -9.36 -28.34
N TYR B 229 8.01 -9.24 -28.14
CA TYR B 229 8.95 -10.28 -28.46
C TYR B 229 8.68 -11.55 -27.66
N LEU B 230 8.37 -11.41 -26.35
CA LEU B 230 8.02 -12.57 -25.50
C LEU B 230 6.79 -13.24 -26.06
N LYS B 231 5.74 -12.45 -26.40
CA LYS B 231 4.53 -13.05 -26.99
C LYS B 231 4.85 -13.82 -28.28
N ALA B 232 5.72 -13.21 -29.08
CA ALA B 232 6.05 -13.82 -30.38
C ALA B 232 6.83 -15.15 -30.24
N HIS B 233 7.61 -15.31 -29.17
CA HIS B 233 8.54 -16.44 -29.08
C HIS B 233 8.25 -17.49 -27.99
N LEU B 234 7.48 -17.18 -26.99
CA LEU B 234 7.15 -18.13 -25.98
C LEU B 234 6.33 -19.26 -26.62
N GLY B 235 6.68 -20.48 -26.21
CA GLY B 235 6.10 -21.65 -26.80
C GLY B 235 4.69 -21.97 -26.46
N GLY B 236 4.12 -21.35 -25.44
CA GLY B 236 2.70 -21.62 -25.06
C GLY B 236 1.85 -20.49 -25.61
N ARG B 237 0.57 -20.59 -25.34
CA ARG B 237 -0.37 -19.57 -25.70
C ARG B 237 -0.12 -18.36 -24.80
N THR B 238 0.16 -17.20 -25.36
CA THR B 238 0.61 -16.03 -24.59
C THR B 238 -0.30 -14.85 -24.90
N THR B 239 -0.67 -14.13 -23.86
CA THR B 239 -1.30 -12.83 -24.01
CA THR B 239 -1.41 -12.83 -23.91
C THR B 239 -0.56 -11.76 -23.25
N VAL B 240 -0.55 -10.57 -23.81
CA VAL B 240 0.07 -9.42 -23.17
C VAL B 240 -1.05 -8.57 -22.58
N GLU B 241 -0.93 -8.33 -21.27
CA GLU B 241 -1.83 -7.42 -20.58
C GLU B 241 -1.08 -6.15 -20.32
N PHE B 242 -1.56 -5.07 -20.89
CA PHE B 242 -0.97 -3.80 -20.69
C PHE B 242 -1.62 -3.14 -19.50
N LEU B 243 -0.89 -2.79 -18.45
CA LEU B 243 -1.38 -1.98 -17.33
C LEU B 243 -1.25 -0.51 -17.59
N GLN B 244 -2.30 0.25 -17.31
CA GLN B 244 -2.34 1.70 -17.55
C GLN B 244 -1.73 2.48 -16.41
N THR B 245 -0.42 2.28 -16.24
CA THR B 245 0.36 2.91 -15.20
C THR B 245 1.80 2.90 -15.70
N GLU B 246 2.65 3.73 -15.11
CA GLU B 246 4.06 3.81 -15.46
C GLU B 246 4.89 3.18 -14.38
N GLY B 247 5.95 2.51 -14.79
CA GLY B 247 6.97 2.00 -13.89
C GLY B 247 7.26 0.52 -14.03
N HIS B 248 8.31 0.13 -13.34
CA HIS B 248 8.77 -1.27 -13.40
C HIS B 248 8.28 -2.14 -12.26
N LEU B 249 7.64 -1.54 -11.25
CA LEU B 249 7.27 -2.22 -9.99
C LEU B 249 5.77 -2.01 -9.72
N PRO B 250 4.91 -2.42 -10.64
CA PRO B 250 3.45 -2.17 -10.45
C PRO B 250 2.86 -2.85 -9.23
N HIS B 251 3.45 -3.96 -8.75
CA HIS B 251 3.02 -4.54 -7.48
C HIS B 251 3.21 -3.59 -6.29
N LEU B 252 4.22 -2.73 -6.35
CA LEU B 252 4.39 -1.66 -5.36
C LEU B 252 3.58 -0.42 -5.62
N SER B 253 3.54 0.01 -6.87
CA SER B 253 3.00 1.32 -7.20
C SER B 253 1.56 1.33 -7.69
N ALA B 254 1.07 0.21 -8.17
CA ALA B 254 -0.28 0.10 -8.70
C ALA B 254 -0.93 -1.27 -8.38
N PRO B 255 -0.95 -1.65 -7.06
CA PRO B 255 -1.36 -3.00 -6.73
C PRO B 255 -2.79 -3.31 -7.09
N SER B 256 -3.70 -2.32 -6.98
CA SER B 256 -5.12 -2.62 -7.36
C SER B 256 -5.22 -2.95 -8.85
N LEU B 257 -4.51 -2.16 -9.66
CA LEU B 257 -4.58 -2.42 -11.11
C LEU B 257 -3.95 -3.77 -11.45
N LEU B 258 -2.79 -4.04 -10.84
CA LEU B 258 -2.14 -5.32 -11.10
C LEU B 258 -3.04 -6.48 -10.65
N ALA B 259 -3.70 -6.33 -9.48
CA ALA B 259 -4.53 -7.38 -8.96
C ALA B 259 -5.67 -7.78 -9.91
N GLN B 260 -6.26 -6.79 -10.62
CA GLN B 260 -7.27 -7.14 -11.57
C GLN B 260 -6.77 -8.10 -12.67
N VAL B 261 -5.59 -7.79 -13.20
CA VAL B 261 -4.94 -8.63 -14.19
C VAL B 261 -4.60 -10.00 -13.62
N LEU B 262 -4.05 -10.03 -12.41
CA LEU B 262 -3.72 -11.32 -11.81
C LEU B 262 -4.92 -12.20 -11.59
N ARG B 263 -6.01 -11.60 -11.10
CA ARG B 263 -7.23 -12.38 -10.83
C ARG B 263 -7.75 -12.97 -12.12
N ARG B 264 -7.76 -12.19 -13.22
CA ARG B 264 -8.18 -12.74 -14.52
C ARG B 264 -7.27 -13.85 -15.02
N ALA B 265 -5.96 -13.67 -14.83
CA ALA B 265 -4.98 -14.67 -15.29
C ALA B 265 -5.09 -15.97 -14.52
N LEU B 266 -5.44 -15.86 -13.24
CA LEU B 266 -5.40 -17.00 -12.33
C LEU B 266 -6.76 -17.64 -12.15
N ALA B 267 -7.77 -17.21 -12.90
CA ALA B 267 -9.13 -17.70 -12.71
C ALA B 267 -9.27 -19.15 -13.10
N ARG B 268 -8.62 -19.51 -14.22
CA ARG B 268 -8.56 -20.91 -14.63
C ARG B 268 -7.18 -21.29 -15.09
N TYR B 269 -6.65 -22.41 -14.59
CA TYR B 269 -5.40 -22.92 -15.11
C TYR B 269 -5.21 -24.39 -14.85
O1 BNY C . -17.35 7.12 7.11
C2 BNY C . -17.48 3.58 5.91
C4 BNY C . -15.42 3.44 8.11
C5 BNY C . -14.37 3.53 8.99
C6 BNY C . -14.00 4.74 9.52
C7 BNY C . -14.69 5.88 9.17
C11 BNY C . -16.98 1.71 4.47
C13 BNY C . -19.26 2.54 4.77
O3 BNY C . -21.34 1.30 4.22
N1 BNY C . -20.65 2.45 4.44
O2 BNY C . -21.30 3.64 4.15
C1 BNY C . -18.82 3.46 5.65
C BNY C . -19.74 4.47 6.31
C12 BNY C . -18.35 1.66 4.20
C10 BNY C . -16.57 2.73 5.31
N BNY C . -17.08 4.54 6.77
C3 BNY C . -16.07 4.58 7.69
C8 BNY C . -15.73 5.82 8.24
C9 BNY C . -16.36 7.09 7.84
O BNY C . -15.80 8.20 8.20
C1 GOL D . -29.26 10.83 17.15
O1 GOL D . -29.02 10.77 15.75
C2 GOL D . -30.77 10.83 17.52
O2 GOL D . -31.29 9.53 17.18
C3 GOL D . -30.84 11.32 18.96
O3 GOL D . -32.07 10.95 19.59
O1 BNY E . 15.41 -4.48 -14.21
C2 BNY E . 18.83 -3.35 -13.33
C4 BNY E . 18.96 -6.31 -12.75
C5 BNY E . 18.89 -7.58 -12.23
C6 BNY E . 17.66 -8.18 -12.17
C7 BNY E . 16.52 -7.52 -12.64
C11 BNY E . 20.39 -2.26 -11.90
C13 BNY E . 19.71 -1.21 -13.95
O3 BNY E . 20.71 0.77 -14.75
N1 BNY E . 19.70 -0.08 -14.78
O2 BNY E . 18.51 0.37 -15.40
C1 BNY E . 18.90 -2.26 -14.23
C BNY E . 18.11 -2.31 -15.50
C12 BNY E . 20.44 -1.20 -12.79
C10 BNY E . 19.55 -3.31 -12.18
N BNY E . 18.01 -4.40 -13.68
C3 BNY E . 17.86 -5.65 -13.22
C8 BNY E . 16.60 -6.23 -13.13
C9 BNY E . 15.36 -5.54 -13.59
O BNY E . 14.24 -5.96 -13.16
C1 GOL F . 12.50 -6.49 -29.32
O1 GOL F . 12.54 -5.30 -28.57
C2 GOL F . 12.59 -5.77 -30.64
O2 GOL F . 13.88 -5.93 -31.11
C3 GOL F . 11.35 -6.10 -31.39
O3 GOL F . 11.69 -6.37 -32.69
#